data_3CXL
#
_entry.id   3CXL
#
_cell.length_a   152.187
_cell.length_b   152.187
_cell.length_c   69.529
_cell.angle_alpha   90.000
_cell.angle_beta   90.000
_cell.angle_gamma   120.000
#
_symmetry.space_group_name_H-M   'P 62'
#
loop_
_entity.id
_entity.type
_entity.pdbx_description
1 polymer N-chimerin
2 non-polymer 'ZINC ION'
3 non-polymer 'UNKNOWN ATOM OR ION'
#
_entity_poly.entity_id   1
_entity_poly.type   'polypeptide(L)'
_entity_poly.pdbx_seq_one_letter_code
;MHHHHHHSSGRENLYFQGVWKSYLYQLQQEAPHPRRITCTCEVENRPKYYGREFHGMISREAADQLLIVAEGSYLIRESQ
RQPGTYTLALRFGSQTRNFRLYYDGKHFVGEKRFESIHDLVTDGLITLYIETKAAEYIAKMTINPIYEHVGYTTLNREPA
YKKHMPVLKETHDERDSTGQDGVSEKRLTSLVRRATLKENEQIPKYEKIHNFKVHTFRGPHWCEYCANFMWGLIAQGVKC
ADCGLNVHKQCSKMVPNDCKPDLKHVKKVYSCDLTTLVKAHTTKRPMVVDMCIREIESRGLNSEGLYRVSGFSDLIEDVK
MAFDRDGEKADISVNMYEDINIITGALKLYFRDLPIPLITYDAYPKFIESAKIMDPDEQLETLHEALKLLPPAHCETLRY
LMAHLKRVTLHEKENLMNAENLGIVFGPTLMRSPELDAMAALNDIRYQRLVVELLIKNEDILF
;
_entity_poly.pdbx_strand_id   A
#
loop_
_chem_comp.id
_chem_comp.type
_chem_comp.name
_chem_comp.formula
UNX non-polymer 'UNKNOWN ATOM OR ION' ?
ZN non-polymer 'ZINC ION' 'Zn 2'
#
# COMPACT_ATOMS: atom_id res chain seq x y z
N GLY A 18 5.52 7.94 -7.43
CA GLY A 18 4.32 8.83 -7.59
C GLY A 18 3.97 9.53 -6.29
N VAL A 19 2.68 9.88 -6.12
CA VAL A 19 2.24 10.62 -4.94
C VAL A 19 2.43 9.92 -3.57
N TRP A 20 1.95 8.70 -3.40
CA TRP A 20 1.98 8.04 -2.05
C TRP A 20 3.38 7.47 -1.74
N LYS A 21 3.85 7.66 -0.52
CA LYS A 21 5.24 7.33 -0.18
C LYS A 21 5.38 5.87 0.27
N SER A 22 6.40 5.18 -0.22
CA SER A 22 6.57 3.76 0.08
C SER A 22 7.38 3.50 1.35
N TYR A 23 8.14 4.50 1.79
CA TYR A 23 9.15 4.28 2.82
C TYR A 23 8.62 3.52 4.03
N LEU A 24 7.64 4.11 4.72
CA LEU A 24 7.11 3.50 5.94
C LEU A 24 6.37 2.20 5.68
N TYR A 25 5.90 1.96 4.46
CA TYR A 25 5.29 0.69 4.12
C TYR A 25 6.35 -0.41 3.99
N GLN A 26 7.41 -0.12 3.24
CA GLN A 26 8.56 -1.02 3.18
C GLN A 26 9.10 -1.32 4.59
N LEU A 27 9.20 -0.31 5.46
CA LEU A 27 9.73 -0.56 6.80
C LEU A 27 8.88 -1.59 7.54
N GLN A 28 7.56 -1.37 7.55
CA GLN A 28 6.67 -2.36 8.15
C GLN A 28 6.98 -3.79 7.64
N GLN A 29 7.19 -3.96 6.33
CA GLN A 29 7.50 -5.28 5.79
C GLN A 29 8.81 -5.83 6.41
N GLU A 30 9.78 -4.95 6.68
CA GLU A 30 11.10 -5.36 7.20
C GLU A 30 11.09 -5.65 8.68
N ALA A 31 10.09 -5.13 9.40
CA ALA A 31 9.97 -5.33 10.85
C ALA A 31 10.10 -6.80 11.21
N PRO A 32 10.82 -7.12 12.31
CA PRO A 32 10.95 -8.51 12.75
C PRO A 32 9.65 -9.02 13.36
N HIS A 33 9.38 -10.30 13.19
CA HIS A 33 8.17 -10.92 13.71
C HIS A 33 8.36 -11.39 15.14
N PRO A 34 7.25 -11.53 15.90
CA PRO A 34 7.29 -12.10 17.23
C PRO A 34 7.86 -13.52 17.29
N ARG A 35 8.63 -13.78 18.34
CA ARG A 35 9.17 -15.10 18.61
C ARG A 35 8.87 -15.43 20.07
N ARG A 36 7.76 -16.12 20.28
CA ARG A 36 7.38 -16.64 21.57
C ARG A 36 8.50 -17.54 22.12
N ILE A 37 9.05 -17.16 23.28
CA ILE A 37 9.97 -18.01 23.97
C ILE A 37 9.14 -18.90 24.85
N THR A 38 9.08 -20.18 24.50
CA THR A 38 8.22 -21.11 25.19
C THR A 38 8.82 -21.56 26.52
N CYS A 39 8.03 -21.34 27.57
CA CYS A 39 8.27 -21.92 28.86
C CYS A 39 7.62 -23.28 28.78
N THR A 40 8.46 -24.30 28.76
CA THR A 40 7.96 -25.67 28.75
C THR A 40 7.70 -25.99 30.22
N CYS A 41 6.62 -25.44 30.75
CA CYS A 41 6.46 -25.31 32.19
C CYS A 41 5.00 -25.15 32.67
N GLU A 42 4.63 -25.96 33.66
CA GLU A 42 3.41 -25.73 34.43
C GLU A 42 3.74 -24.76 35.59
N VAL A 43 2.99 -23.67 35.67
CA VAL A 43 3.29 -22.60 36.61
C VAL A 43 2.09 -22.34 37.51
N GLU A 44 2.34 -22.24 38.81
CA GLU A 44 1.29 -22.04 39.78
C GLU A 44 0.70 -20.66 39.60
N ASN A 45 -0.62 -20.55 39.77
CA ASN A 45 -1.31 -19.28 39.59
C ASN A 45 -0.93 -18.60 38.25
N ARG A 46 -1.02 -19.38 37.16
CA ARG A 46 -0.87 -18.82 35.82
C ARG A 46 -2.23 -18.35 35.36
N PRO A 47 -2.34 -17.08 34.93
CA PRO A 47 -3.67 -16.68 34.50
C PRO A 47 -4.08 -17.42 33.23
N LYS A 48 -5.32 -17.90 33.21
CA LYS A 48 -5.83 -18.70 32.09
C LYS A 48 -5.76 -17.99 30.73
N TYR A 49 -5.56 -16.67 30.74
CA TYR A 49 -5.50 -15.88 29.52
C TYR A 49 -4.09 -15.71 28.92
N TYR A 50 -3.05 -15.99 29.69
CA TYR A 50 -1.68 -16.10 29.15
C TYR A 50 -1.37 -17.56 28.89
N GLY A 51 -0.41 -17.82 28.01
CA GLY A 51 -0.07 -19.19 27.60
C GLY A 51 1.37 -19.59 27.83
N ARG A 52 1.94 -20.28 26.85
CA ARG A 52 3.29 -20.85 26.95
C ARG A 52 4.41 -19.82 27.10
N GLU A 53 4.13 -18.56 26.77
CA GLU A 53 5.09 -17.48 27.00
C GLU A 53 5.21 -17.14 28.48
N PHE A 54 4.27 -17.59 29.30
CA PHE A 54 4.25 -17.20 30.70
C PHE A 54 5.32 -17.91 31.49
N HIS A 55 6.11 -17.11 32.22
CA HIS A 55 7.28 -17.58 32.95
C HIS A 55 7.24 -17.32 34.46
N GLY A 56 6.18 -16.68 34.97
CA GLY A 56 6.11 -16.38 36.41
C GLY A 56 7.13 -15.33 36.83
N MET A 57 7.52 -15.35 38.10
CA MET A 57 8.47 -14.38 38.63
C MET A 57 9.92 -14.86 38.42
N ILE A 58 10.56 -14.32 37.39
CA ILE A 58 11.97 -14.54 37.15
C ILE A 58 12.67 -13.18 37.27
N SER A 59 13.99 -13.19 37.49
CA SER A 59 14.77 -11.97 37.52
C SER A 59 14.91 -11.38 36.12
N ARG A 60 15.47 -10.18 36.05
CA ARG A 60 15.62 -9.48 34.78
C ARG A 60 16.81 -10.06 34.06
N GLU A 61 17.86 -10.36 34.81
CA GLU A 61 18.99 -11.08 34.27
C GLU A 61 18.48 -12.38 33.67
N ALA A 62 17.54 -13.01 34.37
CA ALA A 62 16.87 -14.21 33.86
C ALA A 62 16.15 -13.93 32.54
N ALA A 63 15.35 -12.87 32.50
CA ALA A 63 14.67 -12.47 31.28
C ALA A 63 15.68 -12.17 30.16
N ASP A 64 16.75 -11.43 30.50
CA ASP A 64 17.82 -11.07 29.55
C ASP A 64 18.45 -12.30 28.91
N GLN A 65 18.73 -13.32 29.71
CA GLN A 65 19.41 -14.52 29.21
C GLN A 65 18.51 -15.34 28.28
N LEU A 66 17.19 -15.29 28.51
CA LEU A 66 16.25 -16.05 27.68
C LEU A 66 15.84 -15.30 26.42
N LEU A 67 15.96 -13.98 26.45
CA LEU A 67 15.59 -13.14 25.32
C LEU A 67 16.74 -12.94 24.33
N ILE A 68 17.98 -13.05 24.79
CA ILE A 68 19.14 -12.71 23.92
C ILE A 68 19.24 -13.51 22.61
N VAL A 69 18.54 -14.64 22.53
CA VAL A 69 18.73 -15.60 21.44
C VAL A 69 18.46 -15.04 20.05
N ALA A 70 17.50 -14.13 19.93
CA ALA A 70 17.16 -13.54 18.64
C ALA A 70 16.21 -12.34 18.78
N GLU A 71 16.19 -11.51 17.75
CA GLU A 71 15.43 -10.26 17.72
C GLU A 71 13.90 -10.53 17.65
N GLY A 72 13.13 -9.85 18.50
CA GLY A 72 11.69 -10.07 18.61
C GLY A 72 11.28 -11.19 19.56
N SER A 73 12.25 -11.82 20.22
CA SER A 73 11.92 -12.81 21.24
C SER A 73 11.12 -12.11 22.33
N TYR A 74 10.11 -12.79 22.89
CA TYR A 74 9.28 -12.20 23.95
C TYR A 74 8.82 -13.23 24.97
N LEU A 75 8.58 -12.76 26.19
CA LEU A 75 7.95 -13.59 27.21
C LEU A 75 7.11 -12.69 28.09
N ILE A 76 6.19 -13.29 28.85
CA ILE A 76 5.49 -12.57 29.90
C ILE A 76 5.99 -13.08 31.24
N ARG A 77 6.18 -12.17 32.20
CA ARG A 77 6.62 -12.54 33.55
C ARG A 77 5.94 -11.69 34.60
N GLU A 78 6.03 -12.14 35.86
CA GLU A 78 5.44 -11.42 36.99
C GLU A 78 6.39 -10.36 37.57
N SER A 79 5.89 -9.14 37.80
CA SER A 79 6.74 -8.03 38.32
C SER A 79 7.19 -8.22 39.77
N GLN A 80 8.48 -8.08 40.01
CA GLN A 80 9.06 -8.22 41.35
C GLN A 80 8.78 -7.02 42.21
N ARG A 81 8.75 -5.84 41.58
CA ARG A 81 8.46 -4.58 42.30
C ARG A 81 6.99 -4.53 42.67
N GLN A 82 6.12 -4.85 41.70
CA GLN A 82 4.67 -4.93 41.95
C GLN A 82 4.11 -6.35 41.67
N PRO A 83 4.24 -7.27 42.65
CA PRO A 83 3.70 -8.63 42.46
C PRO A 83 2.21 -8.65 42.13
N GLY A 84 1.79 -9.68 41.39
CA GLY A 84 0.40 -9.77 40.93
C GLY A 84 0.13 -8.99 39.66
N THR A 85 1.18 -8.40 39.10
CA THR A 85 1.11 -7.62 37.87
C THR A 85 2.16 -8.12 36.91
N TYR A 86 1.83 -8.13 35.64
CA TYR A 86 2.62 -8.87 34.67
C TYR A 86 3.29 -7.94 33.68
N THR A 87 4.44 -8.37 33.16
CA THR A 87 5.27 -7.57 32.30
C THR A 87 5.69 -8.33 31.06
N LEU A 88 5.45 -7.71 29.90
CA LEU A 88 5.95 -8.22 28.64
C LEU A 88 7.38 -7.73 28.46
N ALA A 89 8.27 -8.71 28.27
CA ALA A 89 9.67 -8.47 28.07
C ALA A 89 9.97 -8.83 26.64
N LEU A 90 10.56 -7.88 25.91
CA LEU A 90 10.68 -7.98 24.45
C LEU A 90 12.11 -7.68 24.03
N ARG A 91 12.64 -8.50 23.14
CA ARG A 91 13.97 -8.29 22.57
C ARG A 91 13.88 -7.45 21.28
N PHE A 92 14.38 -6.21 21.36
CA PHE A 92 14.49 -5.32 20.19
C PHE A 92 15.63 -4.33 20.34
N GLY A 93 16.42 -4.18 19.29
CA GLY A 93 17.55 -3.28 19.27
C GLY A 93 18.70 -3.83 20.07
N SER A 94 18.84 -5.15 20.09
CA SER A 94 19.92 -5.82 20.83
C SER A 94 19.85 -5.50 22.32
N GLN A 95 18.62 -5.31 22.83
CA GLN A 95 18.40 -5.06 24.26
C GLN A 95 16.95 -5.39 24.66
N THR A 96 16.70 -5.46 25.96
CA THR A 96 15.39 -5.86 26.49
C THR A 96 14.57 -4.63 26.82
N ARG A 97 13.38 -4.56 26.21
CA ARG A 97 12.42 -3.49 26.48
C ARG A 97 11.28 -4.11 27.28
N ASN A 98 10.91 -3.47 28.39
CA ASN A 98 9.82 -3.99 29.27
C ASN A 98 8.58 -3.14 29.16
N PHE A 99 7.42 -3.77 29.02
CA PHE A 99 6.13 -3.05 29.03
C PHE A 99 5.20 -3.66 30.08
N ARG A 100 4.49 -2.80 30.83
CA ARG A 100 3.44 -3.25 31.75
C ARG A 100 2.29 -3.75 30.91
N LEU A 101 1.75 -4.93 31.25
CA LEU A 101 0.57 -5.49 30.59
C LEU A 101 -0.68 -5.25 31.41
N TYR A 102 -1.80 -5.13 30.74
CA TYR A 102 -3.09 -5.06 31.39
C TYR A 102 -4.05 -5.96 30.64
N TYR A 103 -5.10 -6.43 31.29
CA TYR A 103 -6.08 -7.30 30.63
C TYR A 103 -7.49 -7.16 31.20
N ASP A 104 -8.46 -6.90 30.32
CA ASP A 104 -9.89 -6.85 30.69
C ASP A 104 -10.78 -7.58 29.66
N GLY A 105 -10.27 -8.67 29.10
CA GLY A 105 -10.93 -9.37 27.99
C GLY A 105 -10.13 -9.19 26.73
N LYS A 106 -9.45 -8.03 26.61
CA LYS A 106 -8.44 -7.79 25.59
C LYS A 106 -7.09 -7.44 26.25
N HIS A 107 -6.00 -7.73 25.56
CA HIS A 107 -4.66 -7.42 26.06
C HIS A 107 -4.25 -6.06 25.57
N PHE A 108 -3.56 -5.30 26.41
CA PHE A 108 -3.09 -3.98 26.00
C PHE A 108 -1.95 -3.49 26.89
N VAL A 109 -1.01 -2.75 26.29
CA VAL A 109 0.02 -2.03 27.05
C VAL A 109 -0.26 -0.53 27.08
N GLY A 110 -0.86 0.01 26.01
CA GLY A 110 -1.15 1.42 25.91
C GLY A 110 -2.62 1.71 25.64
N GLU A 111 -2.88 2.44 24.56
CA GLU A 111 -4.24 2.81 24.20
C GLU A 111 -4.92 1.66 23.43
N LYS A 112 -4.12 0.90 22.68
CA LYS A 112 -4.64 -0.09 21.76
C LYS A 112 -5.02 -1.42 22.46
N ARG A 113 -6.12 -2.03 22.05
CA ARG A 113 -6.66 -3.24 22.68
C ARG A 113 -6.66 -4.43 21.73
N PHE A 114 -5.91 -5.47 22.07
CA PHE A 114 -5.68 -6.63 21.20
C PHE A 114 -6.41 -7.88 21.64
N GLU A 115 -6.62 -8.78 20.69
CA GLU A 115 -7.31 -10.02 20.94
C GLU A 115 -6.33 -11.09 21.39
N SER A 116 -5.04 -10.85 21.11
CA SER A 116 -3.97 -11.79 21.45
C SER A 116 -2.70 -11.03 21.75
N ILE A 117 -1.90 -11.57 22.64
CA ILE A 117 -0.54 -11.08 22.88
C ILE A 117 0.24 -11.12 21.57
N HIS A 118 0.17 -12.23 20.84
CA HIS A 118 0.88 -12.35 19.55
C HIS A 118 0.65 -11.12 18.69
N ASP A 119 -0.60 -10.64 18.67
CA ASP A 119 -0.96 -9.46 17.91
C ASP A 119 -0.32 -8.24 18.51
N LEU A 120 -0.52 -8.08 19.83
CA LEU A 120 0.06 -6.97 20.60
C LEU A 120 1.57 -6.85 20.33
N VAL A 121 2.27 -7.97 20.37
CA VAL A 121 3.71 -7.98 20.18
C VAL A 121 4.06 -7.69 18.75
N THR A 122 3.23 -8.16 17.83
CA THR A 122 3.38 -7.85 16.42
C THR A 122 3.33 -6.34 16.22
N ASP A 123 2.27 -5.69 16.72
CA ASP A 123 2.15 -4.21 16.64
C ASP A 123 3.29 -3.53 17.40
N GLY A 124 3.70 -4.13 18.51
CA GLY A 124 4.80 -3.60 19.29
C GLY A 124 6.08 -3.51 18.47
N LEU A 125 6.45 -4.60 17.83
CA LEU A 125 7.71 -4.66 17.09
C LEU A 125 7.69 -3.78 15.84
N ILE A 126 6.54 -3.67 15.20
CA ILE A 126 6.38 -2.74 14.08
C ILE A 126 6.60 -1.32 14.55
N THR A 127 6.01 -0.96 15.68
CA THR A 127 6.16 0.38 16.23
C THR A 127 7.63 0.68 16.57
N LEU A 128 8.27 -0.24 17.27
CA LEU A 128 9.66 -0.02 17.69
C LEU A 128 10.55 0.15 16.50
N TYR A 129 10.42 -0.77 15.54
CA TYR A 129 11.19 -0.76 14.29
C TYR A 129 11.06 0.57 13.57
N ILE A 130 9.83 0.95 13.24
CA ILE A 130 9.57 2.16 12.44
C ILE A 130 9.95 3.42 13.22
N GLU A 131 9.42 3.56 14.43
CA GLU A 131 9.67 4.75 15.22
C GLU A 131 11.16 4.94 15.51
N THR A 132 11.93 3.86 15.55
CA THR A 132 13.37 3.97 15.85
C THR A 132 14.19 4.24 14.60
N LYS A 133 13.88 3.54 13.51
CA LYS A 133 14.67 3.66 12.27
C LYS A 133 14.36 4.95 11.50
N ALA A 134 13.09 5.38 11.53
CA ALA A 134 12.65 6.52 10.74
C ALA A 134 12.24 7.71 11.61
N ALA A 135 12.89 7.86 12.75
CA ALA A 135 12.55 8.90 13.72
C ALA A 135 12.56 10.29 13.07
N GLU A 136 13.72 10.72 12.52
CA GLU A 136 13.82 12.00 11.79
C GLU A 136 12.74 12.06 10.71
N TYR A 137 12.70 11.02 9.90
CA TYR A 137 11.80 11.01 8.77
C TYR A 137 10.36 11.28 9.20
N ILE A 138 9.93 10.55 10.23
CA ILE A 138 8.60 10.70 10.79
C ILE A 138 8.42 12.09 11.41
N ALA A 139 9.47 12.57 12.07
CA ALA A 139 9.43 13.91 12.62
C ALA A 139 9.08 14.91 11.51
N LYS A 140 9.66 14.71 10.33
CA LYS A 140 9.50 15.65 9.22
C LYS A 140 8.54 15.21 8.10
N MET A 141 7.83 14.08 8.25
CA MET A 141 6.86 13.61 7.20
C MET A 141 5.94 14.70 6.77
N THR A 142 5.68 15.63 7.68
CA THR A 142 4.58 16.59 7.56
C THR A 142 4.92 17.92 6.92
N ILE A 143 6.19 18.17 6.59
CA ILE A 143 6.52 19.38 5.81
C ILE A 143 6.15 19.11 4.34
N ASN A 144 5.54 20.10 3.69
CA ASN A 144 5.02 19.95 2.33
C ASN A 144 3.96 18.86 2.25
N PRO A 145 2.81 19.09 2.88
CA PRO A 145 1.72 18.12 2.82
C PRO A 145 0.93 18.19 1.51
N ILE A 146 0.22 17.12 1.19
CA ILE A 146 -0.53 17.00 -0.06
C ILE A 146 -1.98 17.46 0.09
N TYR A 147 -2.46 17.54 1.33
CA TYR A 147 -3.88 17.76 1.64
C TYR A 147 -4.58 18.80 0.81
N GLU A 148 -3.98 19.98 0.69
CA GLU A 148 -4.65 21.14 0.08
C GLU A 148 -4.53 21.11 -1.44
N HIS A 149 -3.87 20.08 -1.97
CA HIS A 149 -3.54 20.00 -3.39
C HIS A 149 -4.17 18.80 -4.06
N VAL A 150 -4.11 17.64 -3.40
CA VAL A 150 -4.78 16.40 -3.86
C VAL A 150 -6.18 16.25 -3.24
N GLY A 151 -7.05 15.50 -3.92
CA GLY A 151 -8.30 14.99 -3.32
C GLY A 151 -9.56 15.71 -3.78
N TYR A 152 -10.60 15.66 -2.93
CA TYR A 152 -11.92 16.21 -3.24
C TYR A 152 -12.44 17.14 -2.16
N THR A 153 -13.44 17.92 -2.53
CA THR A 153 -14.15 18.78 -1.61
C THR A 153 -15.53 19.04 -2.21
N THR A 154 -16.31 19.94 -1.61
CA THR A 154 -17.63 20.33 -2.13
C THR A 154 -17.78 21.85 -2.07
N LEU A 155 -18.24 22.46 -3.17
CA LEU A 155 -18.46 23.91 -3.23
C LEU A 155 -19.91 24.21 -3.62
N MET A 165 -19.46 17.75 -5.77
CA MET A 165 -18.03 17.40 -5.53
C MET A 165 -17.13 17.99 -6.61
N PRO A 166 -16.15 18.78 -6.17
CA PRO A 166 -15.13 19.37 -7.04
C PRO A 166 -13.76 18.89 -6.57
N VAL A 167 -12.72 19.27 -7.30
CA VAL A 167 -11.34 18.91 -6.91
C VAL A 167 -10.73 20.06 -6.12
N LEU A 168 -10.05 19.76 -5.00
CA LEU A 168 -9.43 20.82 -4.19
C LEU A 168 -8.50 21.70 -5.04
N LYS A 169 -7.67 21.04 -5.86
CA LYS A 169 -6.76 21.73 -6.80
C LYS A 169 -7.46 22.68 -7.79
N GLU A 170 -8.79 22.54 -7.95
CA GLU A 170 -9.58 23.49 -8.77
C GLU A 170 -9.76 24.80 -8.02
N THR A 171 -10.16 24.72 -6.75
CA THR A 171 -10.36 25.91 -5.91
C THR A 171 -9.01 26.59 -5.58
N GLU A 207 -16.72 26.52 7.56
CA GLU A 207 -15.75 26.05 8.54
C GLU A 207 -16.42 25.08 9.52
N LYS A 208 -15.97 23.83 9.51
CA LYS A 208 -16.42 22.82 10.46
C LYS A 208 -15.23 22.05 10.98
N ILE A 209 -15.10 22.03 12.30
CA ILE A 209 -14.04 21.25 12.94
C ILE A 209 -14.34 19.80 12.61
N HIS A 210 -13.32 19.07 12.19
CA HIS A 210 -13.52 17.64 11.91
C HIS A 210 -13.86 16.93 13.21
N ASN A 211 -14.05 15.62 13.13
CA ASN A 211 -14.38 14.80 14.32
C ASN A 211 -13.67 13.47 14.18
N PHE A 212 -12.40 13.47 14.58
CA PHE A 212 -11.50 12.34 14.38
C PHE A 212 -11.64 11.32 15.49
N LYS A 213 -11.88 10.06 15.10
CA LYS A 213 -11.91 8.93 16.01
C LYS A 213 -10.88 7.90 15.57
N VAL A 214 -10.28 7.20 16.54
CA VAL A 214 -9.34 6.10 16.25
C VAL A 214 -9.99 5.04 15.39
N HIS A 215 -9.27 4.57 14.37
CA HIS A 215 -9.83 3.66 13.39
C HIS A 215 -8.83 2.58 13.06
N THR A 216 -9.35 1.42 12.67
CA THR A 216 -8.55 0.26 12.28
C THR A 216 -8.84 -0.04 10.81
N PHE A 217 -7.82 0.06 9.99
CA PHE A 217 -7.96 -0.03 8.55
C PHE A 217 -7.70 -1.45 8.11
N ARG A 218 -8.69 -2.04 7.45
CA ARG A 218 -8.54 -3.37 6.89
C ARG A 218 -7.91 -3.18 5.51
N GLY A 219 -6.66 -3.62 5.39
CA GLY A 219 -5.89 -3.41 4.18
C GLY A 219 -5.04 -2.18 4.37
N PRO A 220 -3.87 -2.14 3.70
CA PRO A 220 -2.98 -0.98 3.86
C PRO A 220 -3.62 0.29 3.34
N HIS A 221 -3.53 1.35 4.12
CA HIS A 221 -4.06 2.66 3.76
C HIS A 221 -2.99 3.69 4.00
N TRP A 222 -3.07 4.79 3.28
CA TRP A 222 -2.10 5.87 3.38
C TRP A 222 -2.76 7.10 3.98
N CYS A 223 -1.98 7.92 4.66
CA CYS A 223 -2.48 9.18 5.24
C CYS A 223 -2.76 10.25 4.18
N GLU A 224 -3.96 10.83 4.20
CA GLU A 224 -4.37 11.83 3.20
C GLU A 224 -3.98 13.25 3.59
N TYR A 225 -3.09 13.40 4.56
CA TYR A 225 -2.54 14.73 4.85
C TYR A 225 -1.09 14.82 4.42
N CYS A 226 -0.29 13.85 4.85
CA CYS A 226 1.15 13.83 4.60
C CYS A 226 1.56 12.73 3.63
N ALA A 227 0.61 11.96 3.15
CA ALA A 227 0.86 11.02 2.05
C ALA A 227 1.69 9.79 2.44
N ASN A 228 1.99 9.62 3.74
CA ASN A 228 2.80 8.50 4.19
C ASN A 228 1.96 7.37 4.71
N PHE A 229 2.56 6.17 4.70
CA PHE A 229 1.89 4.94 5.09
C PHE A 229 1.44 5.02 6.52
N MET A 230 0.28 4.44 6.81
CA MET A 230 -0.23 4.38 8.17
C MET A 230 0.07 3.00 8.71
N TRP A 231 1.10 2.91 9.55
CA TRP A 231 1.70 1.63 9.97
C TRP A 231 1.05 1.05 11.21
N GLY A 232 1.25 -0.23 11.43
CA GLY A 232 0.73 -0.92 12.60
C GLY A 232 -0.27 -1.99 12.25
N LEU A 233 -0.64 -2.79 13.24
CA LEU A 233 -1.57 -3.90 13.04
C LEU A 233 -2.99 -3.49 13.39
N ILE A 234 -3.15 -2.55 14.32
CA ILE A 234 -4.47 -1.95 14.57
C ILE A 234 -4.33 -0.49 14.96
N ALA A 235 -5.47 0.22 15.01
CA ALA A 235 -5.51 1.62 15.34
C ALA A 235 -4.26 2.33 14.80
N GLN A 236 -4.02 2.18 13.50
CA GLN A 236 -2.86 2.79 12.89
C GLN A 236 -3.09 4.27 12.60
N GLY A 237 -4.35 4.71 12.68
CA GLY A 237 -4.64 6.13 12.51
C GLY A 237 -6.01 6.53 13.02
N VAL A 238 -6.47 7.69 12.55
CA VAL A 238 -7.77 8.21 12.89
C VAL A 238 -8.57 8.45 11.61
N LYS A 239 -9.89 8.30 11.70
CA LYS A 239 -10.79 8.58 10.58
C LYS A 239 -11.87 9.55 11.05
N CYS A 240 -12.29 10.45 10.15
CA CYS A 240 -13.34 11.42 10.50
C CYS A 240 -14.70 10.77 10.33
N ALA A 241 -15.51 10.85 11.38
CA ALA A 241 -16.84 10.24 11.38
C ALA A 241 -17.82 10.99 10.46
N ASP A 242 -17.55 12.26 10.17
CA ASP A 242 -18.44 13.09 9.35
C ASP A 242 -18.12 13.02 7.86
N CYS A 243 -16.86 13.24 7.48
CA CYS A 243 -16.46 13.28 6.05
C CYS A 243 -15.69 12.05 5.57
N GLY A 244 -15.07 11.31 6.49
CA GLY A 244 -14.35 10.05 6.15
C GLY A 244 -12.85 10.15 5.86
N LEU A 245 -12.28 11.34 6.04
CA LEU A 245 -10.86 11.57 5.84
C LEU A 245 -10.00 10.66 6.71
N ASN A 246 -8.99 10.02 6.09
CA ASN A 246 -8.05 9.12 6.78
C ASN A 246 -6.63 9.74 6.96
N VAL A 247 -6.22 9.93 8.21
CA VAL A 247 -4.93 10.55 8.56
C VAL A 247 -4.29 9.90 9.80
N HIS A 248 -3.06 10.32 10.10
CA HIS A 248 -2.37 9.92 11.33
C HIS A 248 -2.88 10.73 12.50
N LYS A 249 -2.82 10.15 13.69
CA LYS A 249 -3.16 10.83 14.93
C LYS A 249 -2.57 12.24 15.01
N GLN A 250 -1.25 12.35 14.79
CA GLN A 250 -0.54 13.65 14.87
C GLN A 250 -0.88 14.55 13.70
N CYS A 251 -1.03 13.97 12.51
CA CYS A 251 -1.52 14.74 11.36
C CYS A 251 -2.92 15.29 11.57
N SER A 252 -3.71 14.62 12.41
CA SER A 252 -5.10 15.04 12.69
C SER A 252 -5.16 16.47 13.21
N LYS A 253 -4.20 16.86 14.03
CA LYS A 253 -4.14 18.20 14.61
C LYS A 253 -3.69 19.27 13.62
N MET A 254 -3.24 18.86 12.43
CA MET A 254 -2.75 19.80 11.41
C MET A 254 -3.77 20.08 10.33
N VAL A 255 -4.78 19.23 10.22
CA VAL A 255 -5.78 19.36 9.15
C VAL A 255 -6.67 20.55 9.45
N PRO A 256 -6.84 21.47 8.48
CA PRO A 256 -7.76 22.61 8.61
C PRO A 256 -9.21 22.23 8.98
N ASN A 257 -9.92 23.18 9.60
CA ASN A 257 -11.34 23.02 9.89
C ASN A 257 -12.16 23.27 8.62
N ASP A 258 -12.07 22.33 7.69
CA ASP A 258 -12.75 22.41 6.41
C ASP A 258 -13.57 21.13 6.15
N CYS A 259 -14.13 20.56 7.23
CA CYS A 259 -14.92 19.33 7.14
C CYS A 259 -16.16 19.51 6.24
N LYS A 260 -16.26 18.64 5.24
CA LYS A 260 -17.38 18.59 4.30
C LYS A 260 -18.04 17.20 4.39
N PRO A 261 -19.06 17.05 5.28
CA PRO A 261 -19.69 15.75 5.58
C PRO A 261 -20.26 14.95 4.38
N ASP A 262 -20.60 15.63 3.29
CA ASP A 262 -21.06 14.92 2.07
C ASP A 262 -19.99 13.98 1.51
N LEU A 263 -18.72 14.28 1.79
CA LEU A 263 -17.60 13.47 1.33
C LEU A 263 -17.67 12.00 1.82
N LYS A 264 -18.37 11.74 2.92
CA LYS A 264 -18.58 10.36 3.38
C LYS A 264 -19.24 9.54 2.27
N HIS A 265 -20.33 10.06 1.71
CA HIS A 265 -21.09 9.36 0.66
C HIS A 265 -20.22 8.83 -0.51
N VAL A 266 -19.13 9.53 -0.83
CA VAL A 266 -18.28 9.20 -2.00
C VAL A 266 -17.18 8.19 -1.64
N LYS A 267 -17.43 6.91 -1.92
CA LYS A 267 -16.43 5.85 -1.70
C LYS A 267 -15.39 5.85 -2.82
N LYS A 268 -14.12 6.11 -2.49
CA LYS A 268 -13.06 6.27 -3.51
C LYS A 268 -12.65 4.97 -4.20
N VAL A 269 -12.21 5.09 -5.46
CA VAL A 269 -11.64 3.98 -6.23
C VAL A 269 -10.18 4.25 -6.50
N TYR A 270 -9.87 5.41 -7.08
CA TYR A 270 -8.50 5.80 -7.32
C TYR A 270 -7.73 5.92 -5.99
N SER A 271 -6.43 5.60 -6.02
CA SER A 271 -5.54 5.75 -4.86
C SER A 271 -5.78 4.75 -3.74
N CYS A 272 -6.68 3.81 -3.98
CA CYS A 272 -6.98 2.74 -3.03
C CYS A 272 -6.15 1.50 -3.37
N ASP A 273 -5.61 0.83 -2.34
CA ASP A 273 -4.78 -0.37 -2.56
C ASP A 273 -5.49 -1.36 -3.48
N LEU A 274 -4.79 -1.81 -4.52
CA LEU A 274 -5.34 -2.73 -5.51
C LEU A 274 -6.05 -3.95 -4.88
N THR A 275 -5.31 -4.72 -4.09
CA THR A 275 -5.87 -5.91 -3.46
C THR A 275 -7.07 -5.56 -2.57
N THR A 276 -6.92 -4.49 -1.78
CA THR A 276 -7.97 -4.06 -0.86
C THR A 276 -9.26 -3.77 -1.63
N LEU A 277 -9.14 -3.09 -2.76
CA LEU A 277 -10.28 -2.64 -3.55
C LEU A 277 -11.01 -3.82 -4.17
N VAL A 278 -10.23 -4.73 -4.76
CA VAL A 278 -10.74 -6.00 -5.31
C VAL A 278 -11.61 -6.81 -4.29
N LYS A 279 -11.12 -6.94 -3.06
CA LYS A 279 -11.83 -7.68 -2.00
C LYS A 279 -13.08 -6.94 -1.52
N ALA A 280 -13.01 -5.63 -1.48
CA ALA A 280 -14.14 -4.82 -1.03
C ALA A 280 -15.33 -4.96 -1.97
N HIS A 281 -15.06 -4.96 -3.28
CA HIS A 281 -16.11 -5.10 -4.31
C HIS A 281 -16.41 -6.55 -4.70
N THR A 282 -15.48 -7.46 -4.41
CA THR A 282 -15.61 -8.89 -4.74
C THR A 282 -15.61 -9.18 -6.27
N THR A 283 -15.00 -8.28 -7.05
CA THR A 283 -14.82 -8.49 -8.51
C THR A 283 -13.36 -8.82 -8.81
N LYS A 284 -13.14 -9.55 -9.92
CA LYS A 284 -11.79 -9.99 -10.33
C LYS A 284 -10.73 -8.86 -10.46
N ARG A 285 -11.05 -7.80 -11.19
CA ARG A 285 -10.13 -6.69 -11.42
C ARG A 285 -10.83 -5.39 -11.10
N PRO A 286 -10.07 -4.29 -10.98
CA PRO A 286 -10.72 -2.99 -10.73
C PRO A 286 -11.68 -2.59 -11.84
N MET A 287 -12.85 -2.13 -11.42
CA MET A 287 -13.84 -1.56 -12.32
C MET A 287 -13.30 -0.44 -13.22
N VAL A 288 -12.29 0.31 -12.74
CA VAL A 288 -11.66 1.32 -13.57
C VAL A 288 -10.90 0.66 -14.73
N VAL A 289 -10.27 -0.49 -14.43
CA VAL A 289 -9.46 -1.19 -15.41
C VAL A 289 -10.34 -1.78 -16.49
N ASP A 290 -11.42 -2.44 -16.09
CA ASP A 290 -12.34 -3.07 -17.04
C ASP A 290 -13.02 -2.05 -17.94
N MET A 291 -13.54 -0.98 -17.33
CA MET A 291 -14.33 0.01 -18.06
C MET A 291 -13.50 0.78 -19.06
N CYS A 292 -12.32 1.28 -18.64
CA CYS A 292 -11.43 2.01 -19.56
C CYS A 292 -10.99 1.11 -20.70
N ILE A 293 -10.52 -0.09 -20.36
CA ILE A 293 -10.10 -1.07 -21.36
C ILE A 293 -11.23 -1.35 -22.36
N ARG A 294 -12.43 -1.62 -21.84
CA ARG A 294 -13.60 -1.88 -22.70
C ARG A 294 -13.86 -0.66 -23.60
N GLU A 295 -13.83 0.52 -23.00
CA GLU A 295 -14.04 1.75 -23.75
C GLU A 295 -13.00 1.92 -24.85
N ILE A 296 -11.71 1.76 -24.50
CA ILE A 296 -10.61 1.94 -25.48
C ILE A 296 -10.78 1.03 -26.70
N GLU A 297 -10.86 -0.28 -26.47
CA GLU A 297 -11.01 -1.25 -27.55
C GLU A 297 -12.33 -1.08 -28.33
N SER A 298 -13.37 -0.58 -27.64
CA SER A 298 -14.67 -0.33 -28.27
C SER A 298 -14.60 0.66 -29.43
N ARG A 299 -14.16 1.89 -29.15
CA ARG A 299 -14.11 2.92 -30.21
C ARG A 299 -12.91 2.78 -31.15
N GLY A 300 -11.92 1.98 -30.76
CA GLY A 300 -10.90 1.55 -31.70
C GLY A 300 -9.47 1.69 -31.24
N LEU A 301 -8.66 0.73 -31.64
CA LEU A 301 -7.26 0.69 -31.31
C LEU A 301 -6.41 1.19 -32.49
N ASN A 302 -7.05 1.85 -33.45
CA ASN A 302 -6.37 2.42 -34.63
C ASN A 302 -5.89 3.85 -34.42
N SER A 303 -6.26 4.47 -33.31
CA SER A 303 -5.95 5.88 -33.06
C SER A 303 -4.46 6.07 -32.87
N GLU A 304 -3.90 7.05 -33.57
CA GLU A 304 -2.47 7.28 -33.58
C GLU A 304 -1.98 7.79 -32.25
N GLY A 305 -0.86 7.25 -31.80
CA GLY A 305 -0.24 7.67 -30.55
C GLY A 305 -1.06 7.28 -29.36
N LEU A 306 -1.78 6.16 -29.47
CA LEU A 306 -2.58 5.64 -28.36
C LEU A 306 -1.66 5.32 -27.19
N TYR A 307 -1.97 5.93 -26.03
CA TYR A 307 -1.21 5.77 -24.76
C TYR A 307 0.08 6.59 -24.68
N ARG A 308 0.56 7.12 -25.79
CA ARG A 308 1.68 8.05 -25.77
C ARG A 308 1.17 9.47 -25.85
N VAL A 309 0.10 9.67 -26.59
CA VAL A 309 -0.56 10.97 -26.63
C VAL A 309 -1.47 11.09 -25.41
N SER A 310 -1.56 12.30 -24.86
CA SER A 310 -2.33 12.54 -23.65
C SER A 310 -3.41 13.60 -23.91
N GLY A 311 -4.59 13.37 -23.35
CA GLY A 311 -5.68 14.33 -23.45
C GLY A 311 -5.51 15.45 -22.45
N PHE A 312 -6.52 16.31 -22.34
CA PHE A 312 -6.48 17.45 -21.40
C PHE A 312 -6.42 16.95 -19.96
N SER A 313 -5.40 17.42 -19.22
CA SER A 313 -5.23 17.11 -17.80
C SER A 313 -6.53 17.23 -17.03
N ASP A 314 -7.14 18.41 -17.15
CA ASP A 314 -8.42 18.77 -16.50
C ASP A 314 -9.49 17.69 -16.66
N LEU A 315 -9.69 17.21 -17.89
CA LEU A 315 -10.73 16.21 -18.18
C LEU A 315 -10.37 14.81 -17.75
N ILE A 316 -9.07 14.49 -17.73
CA ILE A 316 -8.61 13.20 -17.18
C ILE A 316 -8.94 13.12 -15.69
N GLU A 317 -8.74 14.22 -14.97
CA GLU A 317 -9.06 14.27 -13.56
C GLU A 317 -10.60 14.18 -13.37
N ASP A 318 -11.37 14.75 -14.29
CA ASP A 318 -12.83 14.62 -14.25
C ASP A 318 -13.28 13.16 -14.45
N VAL A 319 -12.57 12.41 -15.30
CA VAL A 319 -12.82 10.99 -15.45
C VAL A 319 -12.51 10.25 -14.17
N LYS A 320 -11.38 10.59 -13.56
CA LYS A 320 -11.03 10.02 -12.25
C LYS A 320 -12.10 10.36 -11.22
N MET A 321 -12.53 11.62 -11.20
CA MET A 321 -13.65 12.04 -10.32
C MET A 321 -14.93 11.28 -10.69
N ALA A 322 -15.15 11.05 -11.98
CA ALA A 322 -16.30 10.27 -12.42
C ALA A 322 -16.27 8.88 -11.76
N PHE A 323 -15.10 8.23 -11.75
CA PHE A 323 -14.98 6.90 -11.12
C PHE A 323 -15.20 6.94 -9.60
N ASP A 324 -14.65 7.96 -8.95
CA ASP A 324 -14.72 8.05 -7.49
C ASP A 324 -16.12 8.37 -6.94
N ARG A 325 -16.96 9.02 -7.76
CA ARG A 325 -18.33 9.40 -7.37
C ARG A 325 -19.37 8.36 -7.80
N ASP A 326 -19.26 7.86 -9.04
CA ASP A 326 -20.30 7.03 -9.68
C ASP A 326 -19.99 5.53 -9.76
N GLY A 327 -18.70 5.15 -9.77
CA GLY A 327 -18.31 3.74 -9.83
C GLY A 327 -18.70 3.07 -11.14
N GLU A 328 -19.44 1.94 -11.06
CA GLU A 328 -19.89 1.18 -12.26
C GLU A 328 -20.77 2.01 -13.20
N LYS A 329 -21.40 3.06 -12.65
CA LYS A 329 -22.27 3.93 -13.44
C LYS A 329 -21.57 5.20 -13.97
N ALA A 330 -20.25 5.27 -13.83
CA ALA A 330 -19.49 6.39 -14.42
C ALA A 330 -19.64 6.38 -15.95
N ASP A 331 -19.81 7.55 -16.53
CA ASP A 331 -20.04 7.68 -17.97
C ASP A 331 -18.76 8.08 -18.69
N ILE A 332 -18.12 7.12 -19.35
CA ILE A 332 -16.93 7.40 -20.12
C ILE A 332 -17.16 7.18 -21.62
N SER A 333 -18.40 7.37 -22.06
CA SER A 333 -18.74 7.14 -23.46
C SER A 333 -18.14 8.18 -24.42
N VAL A 334 -18.20 7.85 -25.71
CA VAL A 334 -17.76 8.77 -26.78
C VAL A 334 -18.52 10.08 -26.67
N ASN A 335 -19.81 10.00 -26.37
CA ASN A 335 -20.65 11.17 -26.13
C ASN A 335 -20.05 12.11 -25.09
N MET A 336 -19.61 11.57 -23.96
CA MET A 336 -19.21 12.39 -22.80
C MET A 336 -17.76 12.91 -22.88
N TYR A 337 -16.84 12.03 -23.30
CA TYR A 337 -15.45 12.42 -23.60
C TYR A 337 -15.13 11.97 -25.01
N GLU A 338 -15.11 12.91 -25.96
CA GLU A 338 -14.86 12.62 -27.38
C GLU A 338 -13.45 12.08 -27.67
N ASP A 339 -12.46 12.44 -26.85
CA ASP A 339 -11.07 12.10 -27.14
C ASP A 339 -10.60 10.86 -26.39
N ILE A 340 -10.33 9.76 -27.11
CA ILE A 340 -9.84 8.53 -26.47
C ILE A 340 -8.59 8.75 -25.64
N ASN A 341 -7.79 9.76 -25.98
CA ASN A 341 -6.60 10.05 -25.21
C ASN A 341 -6.91 10.43 -23.74
N ILE A 342 -8.12 10.93 -23.49
CA ILE A 342 -8.60 11.19 -22.13
C ILE A 342 -8.76 9.88 -21.33
N ILE A 343 -9.25 8.85 -22.00
CA ILE A 343 -9.53 7.60 -21.35
C ILE A 343 -8.20 6.88 -21.10
N THR A 344 -7.33 6.88 -22.10
CA THR A 344 -6.01 6.28 -21.96
C THR A 344 -5.23 6.93 -20.83
N GLY A 345 -5.42 8.23 -20.65
CA GLY A 345 -4.75 8.99 -19.60
C GLY A 345 -5.30 8.71 -18.22
N ALA A 346 -6.60 8.49 -18.14
CA ALA A 346 -7.27 8.11 -16.88
C ALA A 346 -6.87 6.70 -16.47
N LEU A 347 -6.75 5.80 -17.44
CA LEU A 347 -6.26 4.45 -17.17
C LEU A 347 -4.80 4.48 -16.69
N LYS A 348 -3.96 5.25 -17.39
CA LYS A 348 -2.58 5.45 -16.97
C LYS A 348 -2.54 6.04 -15.57
N LEU A 349 -3.30 7.11 -15.38
CA LEU A 349 -3.36 7.80 -14.09
C LEU A 349 -3.70 6.82 -12.99
N TYR A 350 -4.74 6.02 -13.21
CA TYR A 350 -5.19 5.03 -12.21
C TYR A 350 -4.02 4.26 -11.62
N PHE A 351 -3.24 3.63 -12.48
CA PHE A 351 -2.07 2.86 -12.05
C PHE A 351 -1.08 3.72 -11.27
N ARG A 352 -0.95 4.97 -11.66
CA ARG A 352 -0.01 5.89 -11.03
C ARG A 352 -0.49 6.38 -9.65
N ASP A 353 -1.78 6.17 -9.33
CA ASP A 353 -2.32 6.46 -7.99
C ASP A 353 -2.34 5.24 -7.05
N LEU A 354 -2.08 4.04 -7.58
CA LEU A 354 -1.97 2.85 -6.72
C LEU A 354 -0.89 3.07 -5.67
N PRO A 355 -1.25 2.89 -4.38
CA PRO A 355 -0.25 2.96 -3.30
C PRO A 355 0.91 1.98 -3.50
N ILE A 356 0.58 0.72 -3.74
CA ILE A 356 1.56 -0.26 -4.18
C ILE A 356 1.36 -0.40 -5.68
N PRO A 357 2.43 -0.23 -6.48
CA PRO A 357 2.29 -0.27 -7.92
C PRO A 357 1.99 -1.66 -8.39
N LEU A 358 1.44 -1.74 -9.60
CA LEU A 358 0.96 -2.99 -10.18
C LEU A 358 2.00 -4.09 -10.05
N ILE A 359 3.25 -3.77 -10.38
CA ILE A 359 4.38 -4.65 -10.10
C ILE A 359 4.93 -4.24 -8.76
N THR A 360 4.69 -5.07 -7.76
CA THR A 360 4.95 -4.72 -6.36
C THR A 360 6.42 -4.43 -6.04
N TYR A 361 6.64 -3.70 -4.94
CA TYR A 361 7.98 -3.38 -4.45
C TYR A 361 8.78 -4.62 -4.11
N ASP A 362 8.10 -5.65 -3.57
CA ASP A 362 8.74 -6.95 -3.25
C ASP A 362 9.11 -7.76 -4.51
N ALA A 363 8.49 -7.47 -5.64
CA ALA A 363 8.80 -8.18 -6.90
C ALA A 363 9.83 -7.43 -7.76
N TYR A 364 10.03 -6.13 -7.47
CA TYR A 364 10.79 -5.24 -8.35
C TYR A 364 12.19 -5.77 -8.74
N PRO A 365 13.01 -6.17 -7.75
CA PRO A 365 14.39 -6.61 -8.09
C PRO A 365 14.42 -7.73 -9.13
N LYS A 366 13.63 -8.78 -8.88
CA LYS A 366 13.56 -9.96 -9.75
C LYS A 366 13.18 -9.60 -11.18
N PHE A 367 12.17 -8.75 -11.33
CA PHE A 367 11.79 -8.24 -12.66
C PHE A 367 12.96 -7.51 -13.33
N ILE A 368 13.64 -6.64 -12.58
CA ILE A 368 14.79 -5.89 -13.11
C ILE A 368 15.96 -6.82 -13.45
N GLU A 369 16.10 -7.89 -12.67
CA GLU A 369 17.11 -8.91 -12.93
C GLU A 369 16.88 -9.56 -14.29
N SER A 370 15.63 -9.90 -14.58
CA SER A 370 15.30 -10.60 -15.82
C SER A 370 15.71 -9.77 -17.02
N ALA A 371 15.49 -8.46 -16.91
CA ALA A 371 15.76 -7.52 -18.02
C ALA A 371 17.25 -7.26 -18.23
N LYS A 372 18.07 -7.65 -17.26
CA LYS A 372 19.52 -7.58 -17.42
C LYS A 372 20.10 -8.81 -18.13
N ILE A 373 19.42 -9.96 -18.05
CA ILE A 373 19.97 -11.20 -18.62
C ILE A 373 19.92 -11.19 -20.14
N MET A 374 20.96 -11.72 -20.76
CA MET A 374 21.13 -11.69 -22.21
C MET A 374 20.36 -12.82 -22.90
N ASP A 375 20.47 -14.04 -22.36
CA ASP A 375 19.78 -15.21 -22.91
C ASP A 375 18.26 -15.00 -22.94
N PRO A 376 17.65 -14.99 -24.15
CA PRO A 376 16.18 -14.82 -24.26
C PRO A 376 15.36 -15.87 -23.50
N ASP A 377 15.88 -17.10 -23.37
CA ASP A 377 15.17 -18.20 -22.69
C ASP A 377 15.12 -18.01 -21.17
N GLU A 378 16.29 -17.88 -20.54
CA GLU A 378 16.39 -17.65 -19.09
C GLU A 378 15.75 -16.32 -18.70
N GLN A 379 15.91 -15.31 -19.56
CA GLN A 379 15.21 -14.04 -19.37
C GLN A 379 13.72 -14.32 -19.21
N LEU A 380 13.15 -15.04 -20.19
CA LEU A 380 11.73 -15.42 -20.16
C LEU A 380 11.40 -16.36 -19.00
N GLU A 381 12.37 -17.18 -18.59
CA GLU A 381 12.20 -18.07 -17.42
C GLU A 381 12.23 -17.27 -16.10
N THR A 382 13.23 -16.41 -15.95
CA THR A 382 13.34 -15.53 -14.78
C THR A 382 12.13 -14.59 -14.70
N LEU A 383 11.71 -14.07 -15.85
CA LEU A 383 10.59 -13.15 -15.88
C LEU A 383 9.32 -13.86 -15.44
N HIS A 384 9.12 -15.09 -15.91
CA HIS A 384 8.01 -15.93 -15.46
C HIS A 384 8.05 -16.14 -13.94
N GLU A 385 9.24 -16.37 -13.39
CA GLU A 385 9.42 -16.56 -11.94
C GLU A 385 9.08 -15.28 -11.14
N ALA A 386 9.24 -14.12 -11.79
CA ALA A 386 8.89 -12.83 -11.19
C ALA A 386 7.38 -12.70 -11.04
N LEU A 387 6.64 -13.20 -12.04
CA LEU A 387 5.18 -13.13 -11.99
C LEU A 387 4.59 -13.91 -10.80
N LYS A 388 5.30 -14.93 -10.34
CA LYS A 388 4.88 -15.69 -9.16
C LYS A 388 5.04 -14.85 -7.89
N LEU A 389 6.05 -13.99 -7.86
CA LEU A 389 6.29 -13.14 -6.70
C LEU A 389 5.14 -12.14 -6.45
N LEU A 390 4.34 -11.86 -7.47
CA LEU A 390 3.21 -10.94 -7.33
C LEU A 390 2.04 -11.57 -6.55
N PRO A 391 1.22 -10.72 -5.90
CA PRO A 391 -0.06 -11.16 -5.32
C PRO A 391 -1.13 -11.44 -6.40
N PRO A 392 -2.17 -12.25 -6.06
CA PRO A 392 -3.21 -12.66 -7.05
C PRO A 392 -3.95 -11.51 -7.78
N ALA A 393 -4.16 -10.39 -7.08
CA ALA A 393 -4.93 -9.28 -7.64
C ALA A 393 -4.10 -8.49 -8.62
N HIS A 394 -2.85 -8.20 -8.23
CA HIS A 394 -1.91 -7.51 -9.09
C HIS A 394 -1.67 -8.32 -10.33
N CYS A 395 -1.62 -9.63 -10.15
CA CYS A 395 -1.27 -10.52 -11.23
C CYS A 395 -2.35 -10.61 -12.31
N GLU A 396 -3.61 -10.82 -11.93
CA GLU A 396 -4.68 -10.86 -12.93
C GLU A 396 -4.98 -9.46 -13.53
N THR A 397 -4.70 -8.40 -12.77
CA THR A 397 -4.81 -7.06 -13.31
C THR A 397 -3.75 -6.88 -14.41
N LEU A 398 -2.52 -7.27 -14.11
CA LEU A 398 -1.42 -7.22 -15.07
C LEU A 398 -1.72 -8.07 -16.30
N ARG A 399 -2.13 -9.31 -16.09
CA ARG A 399 -2.43 -10.23 -17.20
C ARG A 399 -3.36 -9.57 -18.22
N TYR A 400 -4.47 -9.04 -17.72
CA TYR A 400 -5.50 -8.39 -18.54
C TYR A 400 -4.90 -7.19 -19.30
N LEU A 401 -4.11 -6.37 -18.61
CA LEU A 401 -3.47 -5.19 -19.21
C LEU A 401 -2.55 -5.57 -20.36
N MET A 402 -1.65 -6.52 -20.13
CA MET A 402 -0.72 -6.96 -21.17
C MET A 402 -1.44 -7.58 -22.36
N ALA A 403 -2.54 -8.27 -22.10
CA ALA A 403 -3.37 -8.83 -23.20
C ALA A 403 -3.99 -7.70 -24.03
N HIS A 404 -4.43 -6.64 -23.36
CA HIS A 404 -4.96 -5.43 -24.03
C HIS A 404 -3.87 -4.74 -24.84
N LEU A 405 -2.70 -4.54 -24.21
CA LEU A 405 -1.56 -3.92 -24.91
C LEU A 405 -1.05 -4.77 -26.09
N LYS A 406 -1.22 -6.09 -26.02
CA LYS A 406 -0.87 -6.96 -27.14
C LYS A 406 -1.78 -6.68 -28.34
N ARG A 407 -3.08 -6.59 -28.08
CA ARG A 407 -4.05 -6.29 -29.11
C ARG A 407 -3.77 -4.92 -29.75
N VAL A 408 -3.34 -3.96 -28.96
CA VAL A 408 -3.07 -2.61 -29.50
C VAL A 408 -1.85 -2.61 -30.45
N THR A 409 -0.85 -3.43 -30.14
CA THR A 409 0.35 -3.54 -30.99
C THR A 409 0.05 -4.20 -32.34
N LEU A 410 -0.96 -5.08 -32.37
CA LEU A 410 -1.41 -5.70 -33.63
C LEU A 410 -1.86 -4.65 -34.65
N HIS A 411 -2.34 -3.51 -34.16
CA HIS A 411 -2.75 -2.40 -35.01
C HIS A 411 -1.63 -1.36 -35.17
N GLU A 412 -0.37 -1.82 -35.18
CA GLU A 412 0.80 -0.91 -35.32
C GLU A 412 0.74 -0.06 -36.60
N LYS A 413 0.18 -0.62 -37.67
CA LYS A 413 0.16 0.05 -38.99
C LYS A 413 -0.60 1.38 -38.99
N GLU A 414 -1.60 1.52 -38.11
CA GLU A 414 -2.36 2.76 -37.97
C GLU A 414 -1.94 3.56 -36.73
N ASN A 415 -1.88 2.89 -35.57
CA ASN A 415 -1.53 3.60 -34.32
C ASN A 415 -0.03 3.79 -34.09
N LEU A 416 0.81 3.16 -34.91
CA LEU A 416 2.28 3.26 -34.78
C LEU A 416 2.86 2.91 -33.39
N MET A 417 2.14 2.08 -32.60
CA MET A 417 2.56 1.75 -31.21
C MET A 417 3.01 0.30 -31.03
N ASN A 418 4.31 0.05 -31.21
CA ASN A 418 4.90 -1.28 -30.99
C ASN A 418 5.08 -1.57 -29.51
N ALA A 419 5.53 -2.78 -29.18
CA ALA A 419 5.78 -3.16 -27.78
C ALA A 419 6.81 -2.24 -27.09
N GLU A 420 7.87 -1.88 -27.82
CA GLU A 420 8.91 -0.99 -27.29
C GLU A 420 8.34 0.36 -26.87
N ASN A 421 7.74 1.11 -27.81
CA ASN A 421 7.26 2.45 -27.50
C ASN A 421 6.06 2.45 -26.52
N LEU A 422 5.21 1.42 -26.59
CA LEU A 422 4.24 1.17 -25.52
C LEU A 422 4.97 0.92 -24.22
N GLY A 423 6.05 0.13 -24.29
CA GLY A 423 6.91 -0.08 -23.13
C GLY A 423 7.63 1.17 -22.64
N ILE A 424 7.79 2.18 -23.51
CA ILE A 424 8.30 3.46 -23.09
C ILE A 424 7.30 4.11 -22.11
N VAL A 425 6.02 4.09 -22.47
CA VAL A 425 4.98 4.71 -21.64
C VAL A 425 4.75 3.97 -20.33
N PHE A 426 4.67 2.64 -20.38
CA PHE A 426 4.16 1.89 -19.22
C PHE A 426 5.17 1.45 -18.17
N GLY A 427 6.41 1.17 -18.58
CA GLY A 427 7.47 0.78 -17.64
C GLY A 427 7.41 1.57 -16.32
N PRO A 428 7.67 2.88 -16.37
CA PRO A 428 7.70 3.75 -15.20
C PRO A 428 6.38 3.85 -14.45
N THR A 429 5.26 3.68 -15.16
CA THR A 429 3.94 3.70 -14.54
C THR A 429 3.70 2.43 -13.75
N LEU A 430 3.94 1.28 -14.35
CA LEU A 430 3.67 -0.02 -13.69
C LEU A 430 4.76 -0.47 -12.71
N MET A 431 5.85 0.29 -12.60
CA MET A 431 6.97 -0.07 -11.73
C MET A 431 7.53 1.15 -11.02
N ARG A 432 7.81 1.01 -9.74
CA ARG A 432 8.64 1.94 -9.01
C ARG A 432 9.67 1.17 -8.20
N SER A 433 10.90 1.66 -8.20
CA SER A 433 11.94 1.06 -7.38
C SER A 433 11.64 1.42 -5.95
N PRO A 434 11.87 0.48 -5.00
CA PRO A 434 11.64 0.77 -3.61
C PRO A 434 12.83 1.46 -2.93
N GLU A 435 13.81 1.91 -3.73
CA GLU A 435 15.02 2.50 -3.19
C GLU A 435 14.79 3.95 -2.75
N LEU A 436 15.41 4.33 -1.64
CA LEU A 436 15.23 5.67 -1.05
C LEU A 436 15.57 6.77 -2.06
N ASP A 437 16.72 6.63 -2.72
CA ASP A 437 17.18 7.62 -3.67
C ASP A 437 16.44 7.50 -5.02
N ALA A 438 15.49 8.40 -5.25
CA ALA A 438 14.69 8.43 -6.48
C ALA A 438 15.53 8.79 -7.71
N MET A 439 16.43 9.76 -7.53
CA MET A 439 17.34 10.15 -8.60
C MET A 439 18.26 9.01 -8.98
N ALA A 440 18.77 8.29 -7.98
CA ALA A 440 19.55 7.07 -8.26
C ALA A 440 18.65 6.03 -8.97
N ALA A 441 17.44 5.85 -8.48
CA ALA A 441 16.50 4.88 -9.04
C ALA A 441 16.24 5.13 -10.53
N LEU A 442 16.69 6.27 -11.02
CA LEU A 442 16.42 6.72 -12.39
C LEU A 442 17.19 5.85 -13.41
N ASN A 443 18.37 5.37 -13.00
CA ASN A 443 19.16 4.46 -13.83
C ASN A 443 18.42 3.18 -14.24
N ASP A 444 17.39 2.80 -13.50
CA ASP A 444 16.58 1.60 -13.81
C ASP A 444 15.57 1.78 -14.94
N ILE A 445 15.23 3.03 -15.29
CA ILE A 445 14.16 3.33 -16.25
C ILE A 445 14.26 2.48 -17.53
N ARG A 446 15.45 2.35 -18.09
CA ARG A 446 15.66 1.48 -19.27
C ARG A 446 15.14 0.06 -19.05
N TYR A 447 15.40 -0.49 -17.88
CA TYR A 447 15.04 -1.89 -17.58
C TYR A 447 13.57 -2.04 -17.19
N GLN A 448 13.00 -1.01 -16.59
CA GLN A 448 11.56 -0.93 -16.36
C GLN A 448 10.86 -0.89 -17.70
N ARG A 449 11.40 -0.08 -18.61
CA ARG A 449 10.88 0.03 -19.98
C ARG A 449 10.94 -1.31 -20.75
N LEU A 450 12.08 -2.01 -20.68
CA LEU A 450 12.23 -3.31 -21.39
C LEU A 450 11.40 -4.45 -20.75
N VAL A 451 11.18 -4.40 -19.45
CA VAL A 451 10.38 -5.43 -18.77
C VAL A 451 8.98 -5.45 -19.34
N VAL A 452 8.31 -4.31 -19.33
CA VAL A 452 6.94 -4.20 -19.85
C VAL A 452 6.95 -4.61 -21.31
N GLU A 453 7.96 -4.14 -22.06
CA GLU A 453 8.12 -4.52 -23.47
C GLU A 453 8.10 -6.04 -23.62
N LEU A 454 8.88 -6.74 -22.79
CA LEU A 454 8.91 -8.22 -22.83
C LEU A 454 7.59 -8.82 -22.40
N LEU A 455 6.97 -8.22 -21.38
CA LEU A 455 5.67 -8.66 -20.92
C LEU A 455 4.61 -8.54 -22.01
N ILE A 456 4.67 -7.49 -22.82
CA ILE A 456 3.72 -7.30 -23.93
C ILE A 456 3.90 -8.39 -25.02
N LYS A 457 5.12 -8.49 -25.57
CA LYS A 457 5.37 -9.38 -26.69
C LYS A 457 5.00 -10.82 -26.39
N ASN A 458 5.53 -11.32 -25.28
CA ASN A 458 5.42 -12.72 -24.94
C ASN A 458 4.35 -12.97 -23.87
N GLU A 459 3.42 -12.01 -23.75
CA GLU A 459 2.23 -12.18 -22.92
C GLU A 459 1.55 -13.53 -23.18
N ASP A 460 1.47 -13.90 -24.47
CA ASP A 460 0.74 -15.11 -24.90
C ASP A 460 1.25 -16.42 -24.24
N ILE A 461 2.55 -16.48 -23.93
CA ILE A 461 3.13 -17.67 -23.29
C ILE A 461 3.32 -17.53 -21.77
N LEU A 462 3.67 -16.34 -21.29
CA LEU A 462 3.92 -16.12 -19.84
C LEU A 462 2.65 -16.18 -19.00
N PHE A 463 1.51 -15.93 -19.64
CA PHE A 463 0.21 -16.03 -18.98
C PHE A 463 -0.62 -17.16 -19.62
ZN ZN B . -14.40 15.62 8.49
ZN ZN C . 0.15 11.81 8.10
UNK UNX D . -0.56 1.88 22.13
#